data_5TWO
#
_entry.id   5TWO
#
_cell.length_a   56.893
_cell.length_b   88.504
_cell.length_c   122.163
_cell.angle_alpha   90.00
_cell.angle_beta   90.00
_cell.angle_gamma   90.00
#
_symmetry.space_group_name_H-M   'C 2 2 21'
#
loop_
_entity.id
_entity.type
_entity.pdbx_description
1 polymer 'Peroxisome proliferator-activated receptor gamma'
2 polymer PRO-SER-LEU-LEU-LYS-LYS-LEU-LEU-LEU-ALA-PRO
3 non-polymer N-benzyl-1-[(4-chloro-3-fluorophenyl)methyl]-1H-indole-5-carboxamide
4 water water
#
loop_
_entity_poly.entity_id
_entity_poly.type
_entity_poly.pdbx_seq_one_letter_code
_entity_poly.pdbx_strand_id
1 'polypeptide(L)'
;PESADLRALAKHLYDSYIKSFPLTKAKARAILTGKTTDKSPFVIYDMNSLMMGEDKIKFKHITPLQEQSKEVAIRIFQGC
QFRSVEAVQEITEYAKSIPGFVNLDLNDQVTLLKYGVHEIIYTMLASLMNKDGVLISEGQGFMTREFLKSLRKPFGDFME
PKFEFAVKFNALELDDSDLAIFIAVIILSGDRPGLLNVKPIEDIQDNLLQALELQLKLNHPESSQLFAKLLQKMTDLRQI
VTEHVQLLQVIKKTETDMSLHPLLQEIYKDLY
;
A
2 'polypeptide(L)' AEEPSLLKKLLLAPA B
#
# COMPACT_ATOMS: atom_id res chain seq x y z
N GLU A 2 -7.38 -29.72 9.59
CA GLU A 2 -6.94 -28.86 8.48
C GLU A 2 -7.58 -27.48 8.57
N SER A 3 -8.91 -27.44 8.53
CA SER A 3 -9.63 -26.18 8.50
C SER A 3 -9.44 -25.36 9.78
N ALA A 4 -9.30 -26.05 10.91
CA ALA A 4 -9.04 -25.40 12.19
C ALA A 4 -7.74 -24.61 12.13
N ASP A 5 -6.72 -25.23 11.56
CA ASP A 5 -5.43 -24.58 11.41
C ASP A 5 -5.51 -23.41 10.44
N LEU A 6 -6.32 -23.54 9.39
CA LEU A 6 -6.49 -22.46 8.43
C LEU A 6 -7.16 -21.25 9.09
N ARG A 7 -8.15 -21.52 9.94
CA ARG A 7 -8.84 -20.45 10.67
C ARG A 7 -7.91 -19.79 11.67
N ALA A 8 -7.10 -20.61 12.35
CA ALA A 8 -6.11 -20.09 13.29
C ALA A 8 -5.10 -19.20 12.57
N LEU A 9 -4.73 -19.58 11.36
CA LEU A 9 -3.80 -18.79 10.56
C LEU A 9 -4.44 -17.46 10.16
N ALA A 10 -5.71 -17.49 9.75
CA ALA A 10 -6.43 -16.28 9.43
C ALA A 10 -6.46 -15.33 10.63
N LYS A 11 -6.76 -15.86 11.82
CA LYS A 11 -6.86 -15.00 12.99
C LYS A 11 -5.50 -14.44 13.40
N HIS A 12 -4.46 -15.27 13.31
CA HIS A 12 -3.11 -14.82 13.58
C HIS A 12 -2.75 -13.62 12.68
N LEU A 13 -3.05 -13.77 11.40
CA LEU A 13 -2.72 -12.73 10.43
C LEU A 13 -3.53 -11.45 10.69
N TYR A 14 -4.82 -11.59 11.02
CA TYR A 14 -5.63 -10.41 11.30
C TYR A 14 -5.13 -9.65 12.52
N ASP A 15 -4.79 -10.39 13.57
CA ASP A 15 -4.25 -9.75 14.78
C ASP A 15 -2.96 -9.01 14.49
N SER A 16 -2.06 -9.64 13.73
CA SER A 16 -0.80 -8.99 13.35
C SER A 16 -1.04 -7.76 12.48
N TYR A 17 -2.05 -7.83 11.63
CA TYR A 17 -2.41 -6.75 10.73
C TYR A 17 -2.88 -5.54 11.56
N ILE A 18 -3.70 -5.82 12.56
CA ILE A 18 -4.18 -4.77 13.46
C ILE A 18 -3.02 -4.11 14.19
N LYS A 19 -2.04 -4.92 14.60
CA LYS A 19 -0.87 -4.37 15.27
C LYS A 19 0.01 -3.52 14.33
N SER A 20 0.13 -3.95 13.08
CA SER A 20 1.06 -3.30 12.15
C SER A 20 0.54 -2.04 11.46
N PHE A 21 -0.75 -2.01 11.17
CA PHE A 21 -1.30 -0.94 10.35
C PHE A 21 -2.29 -0.09 11.14
N PRO A 22 -1.88 1.13 11.50
CA PRO A 22 -2.66 2.03 12.35
C PRO A 22 -4.01 2.42 11.74
N LEU A 23 -4.05 2.70 10.44
CA LEU A 23 -5.34 3.08 9.86
C LEU A 23 -5.89 1.93 9.03
N THR A 24 -6.90 1.28 9.58
CA THR A 24 -7.48 0.11 8.95
C THR A 24 -8.59 0.51 7.98
N LYS A 25 -9.11 -0.47 7.23
CA LYS A 25 -10.23 -0.16 6.35
C LYS A 25 -11.46 0.19 7.17
N ALA A 26 -11.66 -0.51 8.29
CA ALA A 26 -12.80 -0.22 9.15
C ALA A 26 -12.78 1.23 9.60
N LYS A 27 -11.62 1.68 10.08
CA LYS A 27 -11.48 3.05 10.54
C LYS A 27 -11.64 4.04 9.40
N ALA A 28 -10.98 3.77 8.27
CA ALA A 28 -11.11 4.61 7.10
C ALA A 28 -12.57 4.73 6.63
N ARG A 29 -13.30 3.62 6.56
CA ARG A 29 -14.68 3.67 6.09
C ARG A 29 -15.56 4.44 7.09
N ALA A 30 -15.27 4.29 8.39
CA ALA A 30 -16.00 5.05 9.39
C ALA A 30 -15.85 6.55 9.12
N ILE A 31 -14.60 6.95 8.90
CA ILE A 31 -14.31 8.36 8.59
C ILE A 31 -14.99 8.82 7.30
N LEU A 32 -14.86 8.02 6.25
CA LEU A 32 -15.38 8.37 4.94
C LEU A 32 -16.90 8.45 4.89
N THR A 33 -17.56 7.67 5.74
CA THR A 33 -19.02 7.62 5.73
C THR A 33 -19.65 8.55 6.77
N GLY A 34 -18.81 9.28 7.50
CA GLY A 34 -19.29 10.22 8.51
C GLY A 34 -19.85 9.53 9.74
N LYS A 35 -19.44 8.28 9.93
CA LYS A 35 -19.93 7.43 11.01
C LYS A 35 -19.04 7.45 12.26
N THR A 36 -18.15 8.43 12.33
CA THR A 36 -17.27 8.63 13.49
C THR A 36 -17.61 9.89 14.30
N THR A 37 -17.22 9.90 15.58
CA THR A 37 -17.41 11.07 16.45
C THR A 37 -16.35 12.12 16.18
N ASP A 38 -15.28 11.69 15.53
CA ASP A 38 -14.17 12.57 15.29
C ASP A 38 -14.57 13.67 14.38
N LYS A 39 -13.90 14.75 14.60
CA LYS A 39 -14.00 15.86 13.71
C LYS A 39 -13.72 15.40 12.26
N SER A 40 -14.58 15.75 11.29
CA SER A 40 -14.41 15.33 9.87
C SER A 40 -13.13 15.93 9.25
N PRO A 41 -12.51 15.21 8.29
CA PRO A 41 -11.21 15.60 7.71
C PRO A 41 -11.23 16.97 7.04
N PHE A 42 -10.09 17.66 7.06
CA PHE A 42 -9.94 18.85 6.22
C PHE A 42 -9.85 18.44 4.76
N VAL A 43 -10.67 19.06 3.91
CA VAL A 43 -10.69 18.72 2.50
C VAL A 43 -9.79 19.64 1.68
N ILE A 44 -8.84 19.05 0.96
CA ILE A 44 -8.05 19.78 -0.01
C ILE A 44 -8.60 19.47 -1.39
N TYR A 45 -9.35 20.44 -1.92
CA TYR A 45 -9.91 20.33 -3.27
C TYR A 45 -9.32 21.29 -4.30
N ASP A 46 -8.43 22.16 -3.86
CA ASP A 46 -7.92 23.19 -4.76
C ASP A 46 -6.72 23.89 -4.10
N MET A 47 -6.17 24.89 -4.78
CA MET A 47 -4.94 25.54 -4.32
C MET A 47 -5.09 26.27 -2.97
N ASN A 48 -6.21 26.94 -2.75
CA ASN A 48 -6.38 27.69 -1.50
C ASN A 48 -6.56 26.76 -0.30
N SER A 49 -7.41 25.75 -0.49
CA SER A 49 -7.61 24.75 0.55
C SER A 49 -6.30 24.01 0.79
N LEU A 50 -5.48 23.87 -0.25
CA LEU A 50 -4.19 23.25 -0.05
C LEU A 50 -3.29 24.11 0.82
N MET A 51 -3.25 25.42 0.65
CA MET A 51 -2.44 26.22 1.57
C MET A 51 -2.73 25.87 3.06
N MET A 52 -3.97 26.16 3.45
CA MET A 52 -4.43 25.83 4.81
C MET A 52 -4.08 24.33 5.21
N GLY A 53 -4.70 23.44 4.46
CA GLY A 53 -4.48 22.04 4.72
C GLY A 53 -3.03 21.60 4.64
N GLU A 54 -2.18 22.35 3.94
CA GLU A 54 -0.86 21.85 3.56
C GLU A 54 -0.08 21.60 4.78
N ASP A 55 -0.15 22.53 5.71
CA ASP A 55 0.61 22.20 6.92
C ASP A 55 0.03 20.96 7.61
N LYS A 56 -1.20 20.55 7.27
CA LYS A 56 -1.56 19.21 7.85
C LYS A 56 -0.84 17.91 7.34
N ILE A 57 -0.09 17.95 6.23
CA ILE A 57 0.59 16.75 5.69
C ILE A 57 1.85 16.36 6.50
N LYS A 58 2.05 15.06 6.78
CA LYS A 58 2.94 14.59 7.86
C LYS A 58 4.46 14.89 7.73
N PHE A 59 4.87 15.41 6.59
CA PHE A 59 6.29 15.47 6.18
C PHE A 59 7.32 15.96 7.23
N LYS A 60 8.37 15.16 7.46
CA LYS A 60 9.44 15.46 8.44
C LYS A 60 10.81 15.56 7.77
N HIS A 61 11.38 16.76 7.75
CA HIS A 61 12.62 17.01 7.02
C HIS A 61 13.34 18.25 7.57
N ILE A 62 14.37 18.69 6.87
CA ILE A 62 15.17 19.84 7.27
C ILE A 62 14.33 21.11 7.34
N THR A 63 13.54 21.33 6.30
CA THR A 63 12.66 22.47 6.21
C THR A 63 11.23 21.96 6.06
N PRO A 64 10.22 22.79 6.40
CA PRO A 64 8.84 22.32 6.25
C PRO A 64 8.48 21.96 4.80
N LEU A 65 7.42 21.18 4.62
CA LEU A 65 6.98 20.75 3.29
C LEU A 65 6.81 21.93 2.32
N GLN A 66 6.28 23.02 2.84
CA GLN A 66 6.01 24.24 2.08
C GLN A 66 7.23 24.79 1.33
N GLU A 67 8.42 24.59 1.90
CA GLU A 67 9.65 25.16 1.33
C GLU A 67 10.39 24.21 0.39
N GLN A 68 9.82 23.03 0.12
CA GLN A 68 10.49 22.04 -0.70
C GLN A 68 10.55 22.42 -2.18
N SER A 69 9.45 22.97 -2.70
CA SER A 69 9.42 23.45 -4.07
C SER A 69 8.37 24.53 -4.23
N LYS A 70 8.59 25.42 -5.19
CA LYS A 70 7.59 26.40 -5.58
C LYS A 70 6.46 25.69 -6.31
N GLU A 71 6.77 24.54 -6.90
CA GLU A 71 5.79 23.75 -7.61
C GLU A 71 5.01 22.87 -6.66
N VAL A 72 3.70 23.07 -6.63
CA VAL A 72 2.80 22.36 -5.74
C VAL A 72 2.83 20.84 -5.97
N ALA A 73 2.90 20.44 -7.23
CA ALA A 73 2.93 19.02 -7.58
C ALA A 73 4.13 18.31 -6.96
N ILE A 74 5.24 19.03 -6.79
CA ILE A 74 6.43 18.42 -6.24
C ILE A 74 6.29 18.25 -4.73
N ARG A 75 5.65 19.22 -4.08
CA ARG A 75 5.40 19.11 -2.65
C ARG A 75 4.46 17.94 -2.36
N ILE A 76 3.41 17.79 -3.18
CA ILE A 76 2.50 16.66 -3.04
C ILE A 76 3.22 15.34 -3.28
N PHE A 77 4.06 15.34 -4.31
CA PHE A 77 4.90 14.19 -4.63
C PHE A 77 5.75 13.76 -3.44
N GLN A 78 6.36 14.74 -2.79
CA GLN A 78 7.20 14.46 -1.63
C GLN A 78 6.38 13.96 -0.45
N GLY A 79 5.15 14.46 -0.32
CA GLY A 79 4.25 13.98 0.71
C GLY A 79 3.95 12.50 0.53
N CYS A 80 3.67 12.12 -0.72
CA CYS A 80 3.39 10.73 -1.07
C CYS A 80 4.62 9.87 -0.79
N GLN A 81 5.78 10.39 -1.11
CA GLN A 81 7.05 9.69 -0.88
C GLN A 81 7.27 9.42 0.62
N PHE A 82 7.07 10.45 1.44
CA PHE A 82 7.26 10.31 2.88
C PHE A 82 6.33 9.24 3.45
N ARG A 83 5.07 9.31 3.05
CA ARG A 83 4.11 8.30 3.49
C ARG A 83 4.55 6.91 3.04
N SER A 84 5.03 6.81 1.81
CA SER A 84 5.46 5.53 1.24
C SER A 84 6.56 4.88 2.07
N VAL A 85 7.51 5.68 2.53
CA VAL A 85 8.57 5.16 3.40
C VAL A 85 7.99 4.57 4.68
N GLU A 86 7.10 5.31 5.31
CA GLU A 86 6.50 4.77 6.53
C GLU A 86 5.64 3.52 6.26
N ALA A 87 4.96 3.51 5.11
CA ALA A 87 4.16 2.34 4.70
C ALA A 87 5.02 1.10 4.51
N VAL A 88 6.21 1.29 3.93
CA VAL A 88 7.14 0.17 3.77
C VAL A 88 7.57 -0.39 5.12
N GLN A 89 7.83 0.51 6.08
CA GLN A 89 8.14 0.07 7.43
C GLN A 89 7.02 -0.76 8.05
N GLU A 90 5.78 -0.32 7.87
CA GLU A 90 4.62 -1.07 8.38
C GLU A 90 4.50 -2.46 7.74
N ILE A 91 4.64 -2.51 6.43
CA ILE A 91 4.53 -3.78 5.69
C ILE A 91 5.65 -4.74 6.11
N THR A 92 6.84 -4.20 6.35
CA THR A 92 7.95 -5.02 6.82
C THR A 92 7.65 -5.68 8.17
N GLU A 93 7.10 -4.90 9.11
CA GLU A 93 6.72 -5.47 10.41
C GLU A 93 5.67 -6.58 10.26
N TYR A 94 4.67 -6.30 9.43
CA TYR A 94 3.66 -7.30 9.16
C TYR A 94 4.25 -8.58 8.57
N ALA A 95 5.12 -8.42 7.57
CA ALA A 95 5.73 -9.56 6.90
C ALA A 95 6.44 -10.43 7.90
N LYS A 96 7.11 -9.79 8.87
CA LYS A 96 7.83 -10.53 9.91
C LYS A 96 6.88 -11.40 10.72
N SER A 97 5.63 -10.98 10.83
CA SER A 97 4.65 -11.81 11.54
C SER A 97 4.07 -13.00 10.75
N ILE A 98 4.31 -13.09 9.45
CA ILE A 98 3.75 -14.18 8.65
C ILE A 98 4.53 -15.48 8.90
N PRO A 99 3.86 -16.53 9.41
CA PRO A 99 4.59 -17.72 9.85
C PRO A 99 5.48 -18.30 8.75
N GLY A 100 6.76 -18.47 9.08
CA GLY A 100 7.74 -18.99 8.16
C GLY A 100 8.60 -17.95 7.45
N PHE A 101 8.15 -16.70 7.42
CA PHE A 101 8.82 -15.67 6.63
C PHE A 101 10.23 -15.38 7.13
N VAL A 102 10.39 -15.22 8.44
CA VAL A 102 11.69 -14.83 8.99
C VAL A 102 12.68 -15.98 8.97
N ASN A 103 12.20 -17.18 8.66
CA ASN A 103 13.07 -18.34 8.56
C ASN A 103 13.56 -18.58 7.14
N LEU A 104 13.06 -17.77 6.21
CA LEU A 104 13.53 -17.79 4.84
C LEU A 104 14.91 -17.16 4.79
N ASP A 105 15.66 -17.43 3.72
CA ASP A 105 16.92 -16.75 3.47
C ASP A 105 16.69 -15.24 3.55
N LEU A 106 17.53 -14.56 4.33
CA LEU A 106 17.33 -13.12 4.56
C LEU A 106 17.29 -12.32 3.26
N ASN A 107 18.11 -12.71 2.29
CA ASN A 107 18.09 -12.06 0.98
C ASN A 107 16.79 -12.30 0.21
N ASP A 108 16.17 -13.46 0.44
CA ASP A 108 14.87 -13.73 -0.16
C ASP A 108 13.80 -12.87 0.53
N GLN A 109 13.91 -12.71 1.86
CA GLN A 109 13.00 -11.81 2.58
C GLN A 109 13.05 -10.41 2.00
N VAL A 110 14.27 -9.96 1.71
CA VAL A 110 14.48 -8.63 1.13
C VAL A 110 13.87 -8.52 -0.26
N THR A 111 14.07 -9.54 -1.08
CA THR A 111 13.52 -9.57 -2.44
C THR A 111 11.97 -9.52 -2.44
N LEU A 112 11.38 -10.35 -1.58
CA LEU A 112 9.93 -10.41 -1.42
C LEU A 112 9.37 -9.06 -1.04
N LEU A 113 10.03 -8.40 -0.08
CA LEU A 113 9.59 -7.06 0.33
C LEU A 113 9.71 -6.05 -0.80
N LYS A 114 10.84 -6.01 -1.50
CA LYS A 114 11.00 -5.10 -2.63
C LYS A 114 9.76 -5.08 -3.59
N TYR A 115 9.62 -6.20 -4.29
CA TYR A 115 8.57 -6.30 -5.31
C TYR A 115 7.13 -6.23 -4.71
N GLY A 116 7.04 -6.83 -3.52
CA GLY A 116 5.77 -6.85 -2.83
C GLY A 116 5.25 -5.53 -2.31
N VAL A 117 6.13 -4.65 -1.82
CA VAL A 117 5.66 -3.49 -1.07
C VAL A 117 4.89 -2.56 -1.95
N HIS A 118 5.30 -2.40 -3.21
CA HIS A 118 4.42 -1.51 -4.01
C HIS A 118 3.02 -2.09 -4.22
N GLU A 119 2.97 -3.41 -4.48
CA GLU A 119 1.62 -4.00 -4.65
C GLU A 119 0.70 -3.87 -3.41
N ILE A 120 1.28 -4.03 -2.23
CA ILE A 120 0.52 -3.91 -0.99
C ILE A 120 0.10 -2.48 -0.70
N ILE A 121 0.99 -1.53 -0.98
CA ILE A 121 0.65 -0.13 -0.78
C ILE A 121 -0.58 0.24 -1.61
N TYR A 122 -0.65 -0.21 -2.86
CA TYR A 122 -1.82 0.16 -3.67
C TYR A 122 -3.12 -0.57 -3.26
N THR A 123 -2.98 -1.81 -2.81
CA THR A 123 -4.12 -2.52 -2.21
C THR A 123 -4.74 -1.74 -1.01
N MET A 124 -3.88 -1.35 -0.08
CA MET A 124 -4.37 -0.69 1.13
C MET A 124 -4.79 0.75 0.87
N LEU A 125 -4.15 1.34 -0.13
CA LEU A 125 -4.51 2.68 -0.57
C LEU A 125 -5.97 2.68 -0.99
N ALA A 126 -6.40 1.62 -1.67
CA ALA A 126 -7.82 1.48 -2.00
C ALA A 126 -8.69 1.55 -0.75
N SER A 127 -8.21 0.97 0.36
CA SER A 127 -9.00 1.13 1.60
C SER A 127 -9.24 2.59 2.00
N LEU A 128 -8.32 3.48 1.64
CA LEU A 128 -8.48 4.89 2.00
C LEU A 128 -9.20 5.76 0.96
N MET A 129 -9.69 5.13 -0.10
CA MET A 129 -10.24 5.89 -1.21
C MET A 129 -11.75 5.71 -1.38
N ASN A 130 -12.40 6.74 -1.90
CA ASN A 130 -13.67 6.55 -2.58
C ASN A 130 -13.52 7.11 -4.00
N LYS A 131 -14.59 7.14 -4.78
CA LYS A 131 -14.43 7.57 -6.17
C LYS A 131 -14.05 9.05 -6.27
N ASP A 132 -14.26 9.82 -5.20
CA ASP A 132 -13.96 11.25 -5.22
C ASP A 132 -12.64 11.74 -4.58
N GLY A 133 -11.88 10.85 -3.93
CA GLY A 133 -10.61 11.25 -3.33
C GLY A 133 -10.02 10.28 -2.32
N VAL A 134 -9.00 10.72 -1.59
CA VAL A 134 -8.23 9.80 -0.74
C VAL A 134 -7.95 10.40 0.65
N LEU A 135 -8.10 9.60 1.71
CA LEU A 135 -7.73 10.03 3.04
C LEU A 135 -6.22 10.17 3.16
N ILE A 136 -5.79 11.26 3.78
CA ILE A 136 -4.36 11.50 4.01
C ILE A 136 -4.14 11.91 5.47
N SER A 137 -2.86 11.89 5.87
CA SER A 137 -2.46 12.32 7.21
C SER A 137 -3.22 11.57 8.30
N GLU A 138 -3.14 10.25 8.24
CA GLU A 138 -3.71 9.37 9.25
C GLU A 138 -5.21 9.61 9.39
N GLY A 139 -5.85 9.95 8.26
CA GLY A 139 -7.29 10.16 8.21
C GLY A 139 -7.75 11.56 8.57
N GLN A 140 -6.80 12.46 8.86
CA GLN A 140 -7.14 13.82 9.25
C GLN A 140 -7.34 14.74 8.06
N GLY A 141 -7.15 14.21 6.85
CA GLY A 141 -7.29 15.03 5.67
C GLY A 141 -7.89 14.21 4.56
N PHE A 142 -8.44 14.89 3.56
CA PHE A 142 -9.02 14.22 2.39
C PHE A 142 -8.64 15.04 1.17
N MET A 143 -7.92 14.43 0.24
CA MET A 143 -7.53 15.15 -0.97
C MET A 143 -8.39 14.67 -2.13
N THR A 144 -8.98 15.59 -2.87
CA THR A 144 -9.87 15.15 -3.92
C THR A 144 -9.12 14.61 -5.14
N ARG A 145 -9.74 13.63 -5.79
CA ARG A 145 -9.26 13.05 -7.04
C ARG A 145 -9.16 14.12 -8.11
N GLU A 146 -10.16 14.99 -8.16
CA GLU A 146 -10.18 16.10 -9.08
C GLU A 146 -8.95 17.01 -8.93
N PHE A 147 -8.62 17.38 -7.70
CA PHE A 147 -7.47 18.24 -7.47
C PHE A 147 -6.17 17.57 -7.89
N LEU A 148 -6.05 16.28 -7.59
CA LEU A 148 -4.86 15.52 -7.95
C LEU A 148 -4.70 15.43 -9.47
N LYS A 149 -5.83 15.26 -10.16
CA LYS A 149 -5.86 15.18 -11.61
C LYS A 149 -5.51 16.52 -12.27
N SER A 150 -5.65 17.61 -11.52
CA SER A 150 -5.43 18.95 -12.07
C SER A 150 -3.98 19.41 -12.01
N LEU A 151 -3.11 18.61 -11.41
CA LEU A 151 -1.70 18.95 -11.33
C LEU A 151 -1.07 18.89 -12.72
N ARG A 152 -0.07 19.72 -12.96
CA ARG A 152 0.56 19.78 -14.27
C ARG A 152 1.22 18.45 -14.61
N LYS A 153 1.29 18.14 -15.91
CA LYS A 153 1.99 16.95 -16.37
C LYS A 153 3.45 17.03 -15.94
N PRO A 154 4.09 15.87 -15.70
CA PRO A 154 3.62 14.47 -15.69
C PRO A 154 2.73 14.11 -14.50
N PHE A 155 2.71 14.96 -13.49
CA PHE A 155 2.13 14.63 -12.18
C PHE A 155 0.62 14.47 -12.15
N GLY A 156 -0.08 15.03 -13.13
CA GLY A 156 -1.53 14.99 -13.14
C GLY A 156 -2.12 13.60 -13.30
N ASP A 157 -1.38 12.71 -13.94
CA ASP A 157 -1.86 11.34 -14.15
C ASP A 157 -1.30 10.36 -13.13
N PHE A 158 -0.58 10.88 -12.15
CA PHE A 158 0.07 10.07 -11.11
C PHE A 158 -0.91 9.14 -10.37
N MET A 159 -1.96 9.72 -9.80
CA MET A 159 -2.88 8.98 -8.93
C MET A 159 -4.08 8.32 -9.62
N GLU A 160 -4.36 8.72 -10.85
CA GLU A 160 -5.59 8.29 -11.51
C GLU A 160 -5.70 6.76 -11.71
N PRO A 161 -4.59 6.09 -12.09
CA PRO A 161 -4.69 4.62 -12.16
C PRO A 161 -4.94 3.94 -10.81
N LYS A 162 -4.50 4.58 -9.74
CA LYS A 162 -4.71 4.05 -8.40
C LYS A 162 -6.17 4.18 -8.03
N PHE A 163 -6.77 5.32 -8.39
CA PHE A 163 -8.20 5.50 -8.16
C PHE A 163 -9.04 4.53 -8.97
N GLU A 164 -8.64 4.27 -10.20
CA GLU A 164 -9.37 3.34 -11.08
C GLU A 164 -9.34 1.92 -10.53
N PHE A 165 -8.14 1.48 -10.19
CA PHE A 165 -7.99 0.22 -9.49
C PHE A 165 -8.87 0.19 -8.24
N ALA A 166 -8.83 1.26 -7.45
CA ALA A 166 -9.55 1.28 -6.17
C ALA A 166 -11.05 1.13 -6.35
N VAL A 167 -11.60 1.76 -7.37
CA VAL A 167 -13.03 1.63 -7.63
C VAL A 167 -13.42 0.16 -7.87
N LYS A 168 -12.67 -0.51 -8.74
CA LYS A 168 -12.96 -1.94 -8.99
C LYS A 168 -12.74 -2.82 -7.74
N PHE A 169 -11.61 -2.57 -7.10
CA PHE A 169 -11.20 -3.38 -5.96
C PHE A 169 -12.18 -3.20 -4.80
N ASN A 170 -12.59 -1.97 -4.53
CA ASN A 170 -13.54 -1.73 -3.46
C ASN A 170 -14.89 -2.34 -3.77
N ALA A 171 -15.20 -2.52 -5.06
CA ALA A 171 -16.44 -3.19 -5.42
C ALA A 171 -16.47 -4.62 -4.86
N LEU A 172 -15.30 -5.22 -4.65
CA LEU A 172 -15.28 -6.54 -3.99
C LEU A 172 -15.69 -6.57 -2.49
N GLU A 173 -15.79 -5.41 -1.84
CA GLU A 173 -16.21 -5.30 -0.43
C GLU A 173 -15.44 -6.19 0.56
N LEU A 174 -14.13 -6.28 0.40
CA LEU A 174 -13.32 -7.00 1.37
C LEU A 174 -13.31 -6.25 2.71
N ASP A 175 -13.09 -6.97 3.80
CA ASP A 175 -12.84 -6.30 5.08
C ASP A 175 -11.40 -6.56 5.51
N ASP A 176 -11.01 -6.03 6.67
CA ASP A 176 -9.63 -6.14 7.14
C ASP A 176 -9.15 -7.58 7.33
N SER A 177 -10.02 -8.48 7.78
CA SER A 177 -9.60 -9.88 7.96
C SER A 177 -9.25 -10.55 6.60
N ASP A 178 -10.12 -10.34 5.61
CA ASP A 178 -9.84 -10.73 4.22
C ASP A 178 -8.50 -10.17 3.73
N LEU A 179 -8.34 -8.86 3.90
CA LEU A 179 -7.16 -8.15 3.41
C LEU A 179 -5.88 -8.65 4.07
N ALA A 180 -5.92 -8.96 5.36
CA ALA A 180 -4.74 -9.45 6.06
C ALA A 180 -4.19 -10.69 5.37
N ILE A 181 -5.09 -11.61 5.01
CA ILE A 181 -4.61 -12.79 4.30
C ILE A 181 -4.17 -12.47 2.87
N PHE A 182 -4.94 -11.66 2.16
CA PHE A 182 -4.60 -11.27 0.78
C PHE A 182 -3.17 -10.69 0.67
N ILE A 183 -2.87 -9.78 1.58
CA ILE A 183 -1.57 -9.13 1.61
C ILE A 183 -0.46 -10.14 1.88
N ALA A 184 -0.71 -11.03 2.84
CA ALA A 184 0.25 -12.11 3.11
C ALA A 184 0.52 -12.95 1.85
N VAL A 185 -0.53 -13.27 1.10
CA VAL A 185 -0.39 -14.00 -0.16
C VAL A 185 0.51 -13.25 -1.15
N ILE A 186 0.29 -11.94 -1.26
CA ILE A 186 1.07 -11.13 -2.19
C ILE A 186 2.55 -11.13 -1.83
N ILE A 187 2.86 -11.00 -0.54
CA ILE A 187 4.27 -10.97 -0.08
C ILE A 187 5.02 -12.26 -0.46
N LEU A 188 4.33 -13.38 -0.30
CA LEU A 188 4.90 -14.73 -0.44
C LEU A 188 4.89 -15.26 -1.89
N SER A 189 4.88 -14.36 -2.87
CA SER A 189 4.99 -14.74 -4.28
C SER A 189 6.34 -15.37 -4.68
N GLY A 190 6.30 -16.59 -5.19
CA GLY A 190 7.52 -17.32 -5.51
C GLY A 190 8.15 -16.97 -6.84
N ASP A 191 7.48 -16.13 -7.63
CA ASP A 191 7.99 -15.77 -8.94
C ASP A 191 8.75 -14.43 -8.98
N ARG A 192 8.98 -13.82 -7.81
CA ARG A 192 9.79 -12.60 -7.75
C ARG A 192 11.18 -12.88 -8.31
N PRO A 193 11.70 -11.97 -9.15
CA PRO A 193 13.02 -12.07 -9.77
C PRO A 193 14.15 -12.16 -8.75
N GLY A 194 15.05 -13.13 -8.92
CA GLY A 194 16.22 -13.24 -8.08
C GLY A 194 16.02 -14.05 -6.81
N LEU A 195 14.87 -14.69 -6.66
CA LEU A 195 14.65 -15.52 -5.47
C LEU A 195 15.57 -16.74 -5.48
N LEU A 196 16.27 -16.95 -4.36
CA LEU A 196 17.21 -18.05 -4.25
C LEU A 196 16.51 -19.40 -3.99
N ASN A 197 15.63 -19.43 -3.00
CA ASN A 197 14.86 -20.64 -2.72
C ASN A 197 13.38 -20.40 -2.97
N VAL A 198 12.90 -20.90 -4.09
CA VAL A 198 11.54 -20.62 -4.53
C VAL A 198 10.53 -21.54 -3.84
N LYS A 199 10.88 -22.82 -3.74
CA LYS A 199 9.98 -23.84 -3.18
C LYS A 199 9.45 -23.57 -1.75
N PRO A 200 10.30 -23.12 -0.81
CA PRO A 200 9.74 -22.86 0.53
C PRO A 200 8.70 -21.74 0.53
N ILE A 201 8.98 -20.72 -0.27
CA ILE A 201 8.07 -19.60 -0.44
C ILE A 201 6.75 -20.07 -1.05
N GLU A 202 6.84 -20.86 -2.12
CA GLU A 202 5.66 -21.44 -2.73
C GLU A 202 4.84 -22.28 -1.75
N ASP A 203 5.52 -23.01 -0.87
CA ASP A 203 4.82 -23.81 0.14
C ASP A 203 3.98 -22.94 1.06
N ILE A 204 4.62 -21.90 1.61
CA ILE A 204 3.90 -21.00 2.49
C ILE A 204 2.73 -20.34 1.74
N GLN A 205 2.96 -19.88 0.52
CA GLN A 205 1.89 -19.25 -0.23
C GLN A 205 0.72 -20.20 -0.49
N ASP A 206 1.03 -21.48 -0.75
CA ASP A 206 0.00 -22.49 -0.94
C ASP A 206 -0.90 -22.53 0.29
N ASN A 207 -0.27 -22.59 1.46
CA ASN A 207 -1.03 -22.59 2.71
C ASN A 207 -1.88 -21.32 2.90
N LEU A 208 -1.28 -20.17 2.61
CA LEU A 208 -2.00 -18.90 2.75
C LEU A 208 -3.19 -18.81 1.79
N LEU A 209 -3.01 -19.35 0.59
CA LEU A 209 -4.05 -19.36 -0.44
C LEU A 209 -5.23 -20.23 -0.02
N GLN A 210 -4.93 -21.36 0.64
CA GLN A 210 -5.99 -22.18 1.21
C GLN A 210 -6.73 -21.41 2.31
N ALA A 211 -5.98 -20.73 3.17
CA ALA A 211 -6.58 -19.94 4.25
C ALA A 211 -7.49 -18.86 3.69
N LEU A 212 -7.03 -18.17 2.65
CA LEU A 212 -7.80 -17.14 1.98
C LEU A 212 -9.08 -17.69 1.39
N GLU A 213 -8.98 -18.83 0.70
CA GLU A 213 -10.15 -19.44 0.10
C GLU A 213 -11.23 -19.71 1.16
N LEU A 214 -10.81 -20.32 2.26
CA LEU A 214 -11.73 -20.61 3.36
C LEU A 214 -12.33 -19.32 3.96
N GLN A 215 -11.48 -18.33 4.17
CA GLN A 215 -11.90 -17.05 4.71
C GLN A 215 -12.98 -16.41 3.84
N LEU A 216 -12.78 -16.44 2.52
CA LEU A 216 -13.75 -15.80 1.64
C LEU A 216 -15.07 -16.56 1.59
N LYS A 217 -15.00 -17.89 1.70
CA LYS A 217 -16.22 -18.68 1.72
C LYS A 217 -17.05 -18.44 2.98
N LEU A 218 -16.37 -18.32 4.11
CA LEU A 218 -17.07 -18.11 5.37
C LEU A 218 -17.58 -16.67 5.51
N ASN A 219 -16.72 -15.71 5.16
CA ASN A 219 -17.03 -14.29 5.36
C ASN A 219 -17.90 -13.69 4.25
N HIS A 220 -17.85 -14.30 3.07
CA HIS A 220 -18.64 -13.83 1.93
C HIS A 220 -19.34 -14.98 1.21
N PRO A 221 -20.23 -15.70 1.92
CA PRO A 221 -20.83 -16.93 1.38
C PRO A 221 -21.65 -16.71 0.11
N GLU A 222 -22.19 -15.52 -0.04
CA GLU A 222 -23.04 -15.22 -1.18
C GLU A 222 -22.31 -14.53 -2.33
N SER A 223 -20.99 -14.35 -2.21
CA SER A 223 -20.24 -13.70 -3.28
C SER A 223 -19.53 -14.78 -4.10
N SER A 224 -20.06 -15.06 -5.28
CA SER A 224 -19.60 -16.23 -6.02
C SER A 224 -18.32 -15.91 -6.75
N GLN A 225 -17.39 -16.87 -6.67
CA GLN A 225 -16.07 -16.77 -7.31
C GLN A 225 -15.28 -15.54 -6.84
N LEU A 226 -15.52 -15.12 -5.60
CA LEU A 226 -14.76 -14.02 -5.02
C LEU A 226 -13.26 -14.33 -5.00
N PHE A 227 -12.90 -15.55 -4.62
CA PHE A 227 -11.50 -15.99 -4.64
C PHE A 227 -10.84 -15.76 -6.00
N ALA A 228 -11.51 -16.20 -7.07
CA ALA A 228 -11.00 -16.02 -8.44
C ALA A 228 -10.81 -14.54 -8.82
N LYS A 229 -11.82 -13.73 -8.52
CA LYS A 229 -11.79 -12.30 -8.78
C LYS A 229 -10.62 -11.62 -8.06
N LEU A 230 -10.36 -12.07 -6.84
CA LEU A 230 -9.31 -11.49 -6.03
C LEU A 230 -7.90 -11.85 -6.56
N LEU A 231 -7.73 -13.10 -7.00
CA LEU A 231 -6.45 -13.51 -7.60
C LEU A 231 -6.12 -12.67 -8.85
N GLN A 232 -7.15 -12.46 -9.65
CA GLN A 232 -6.97 -11.66 -10.85
C GLN A 232 -6.58 -10.21 -10.48
N LYS A 233 -7.05 -9.74 -9.32
CA LYS A 233 -6.60 -8.42 -8.83
C LYS A 233 -5.10 -8.38 -8.53
N MET A 234 -4.53 -9.48 -8.01
CA MET A 234 -3.08 -9.53 -7.78
C MET A 234 -2.30 -9.21 -9.05
N THR A 235 -2.76 -9.82 -10.13
CA THR A 235 -2.11 -9.55 -11.43
C THR A 235 -2.28 -8.10 -11.89
N ASP A 236 -3.50 -7.57 -11.74
CA ASP A 236 -3.78 -6.15 -11.98
C ASP A 236 -2.79 -5.22 -11.27
N LEU A 237 -2.57 -5.47 -9.98
CA LEU A 237 -1.63 -4.68 -9.19
C LEU A 237 -0.25 -4.66 -9.83
N ARG A 238 0.20 -5.81 -10.34
CA ARG A 238 1.51 -5.82 -11.01
C ARG A 238 1.56 -4.84 -12.18
N GLN A 239 0.47 -4.78 -12.93
CA GLN A 239 0.41 -3.81 -14.03
C GLN A 239 0.44 -2.37 -13.53
N ILE A 240 -0.28 -2.09 -12.44
CA ILE A 240 -0.25 -0.76 -11.83
C ILE A 240 1.17 -0.34 -11.48
N VAL A 241 1.92 -1.24 -10.86
CA VAL A 241 3.28 -0.92 -10.45
C VAL A 241 4.17 -0.65 -11.66
N THR A 242 4.05 -1.49 -12.69
CA THR A 242 4.81 -1.31 -13.92
C THR A 242 4.61 0.10 -14.49
N GLU A 243 3.36 0.53 -14.60
CA GLU A 243 3.07 1.84 -15.15
C GLU A 243 3.57 2.96 -14.24
N HIS A 244 3.53 2.71 -12.94
CA HIS A 244 4.05 3.69 -11.99
C HIS A 244 5.56 3.91 -12.17
N VAL A 245 6.30 2.82 -12.31
CA VAL A 245 7.73 2.89 -12.51
C VAL A 245 8.07 3.62 -13.80
N GLN A 246 7.30 3.35 -14.85
CA GLN A 246 7.48 4.05 -16.13
C GLN A 246 7.32 5.56 -15.97
N LEU A 247 6.25 5.96 -15.29
CA LEU A 247 6.03 7.38 -15.01
C LEU A 247 7.20 7.97 -14.21
N LEU A 248 7.67 7.21 -13.22
CA LEU A 248 8.77 7.67 -12.38
C LEU A 248 10.04 7.92 -13.20
N GLN A 249 10.30 7.06 -14.18
CA GLN A 249 11.44 7.22 -15.08
C GLN A 249 11.31 8.50 -15.92
N VAL A 250 10.11 8.75 -16.42
CA VAL A 250 9.82 10.03 -17.09
C VAL A 250 10.17 11.21 -16.19
N ILE A 251 9.62 11.20 -14.98
CA ILE A 251 9.83 12.27 -14.00
C ILE A 251 11.33 12.47 -13.72
N LYS A 252 12.05 11.36 -13.59
CA LYS A 252 13.49 11.41 -13.34
C LYS A 252 14.25 12.10 -14.46
N LYS A 253 13.88 11.81 -15.70
CA LYS A 253 14.52 12.47 -16.84
C LYS A 253 14.19 13.96 -16.92
N THR A 254 12.92 14.30 -16.72
CA THR A 254 12.46 15.69 -16.90
C THR A 254 12.75 16.62 -15.69
N GLU A 255 12.49 16.15 -14.48
CA GLU A 255 12.61 17.00 -13.30
C GLU A 255 13.76 16.58 -12.39
N THR A 256 14.74 17.45 -12.21
CA THR A 256 15.83 17.18 -11.28
C THR A 256 15.51 17.81 -9.91
N ASP A 257 14.31 18.39 -9.80
CA ASP A 257 13.89 18.98 -8.53
C ASP A 257 13.31 17.90 -7.60
N MET A 258 13.36 16.66 -8.07
CA MET A 258 12.89 15.52 -7.28
C MET A 258 14.06 14.75 -6.65
N SER A 259 13.82 14.23 -5.46
CA SER A 259 14.82 13.43 -4.75
C SER A 259 14.15 12.23 -4.09
N LEU A 260 14.72 11.05 -4.30
CA LEU A 260 14.17 9.84 -3.71
C LEU A 260 14.89 9.45 -2.42
N HIS A 261 14.09 9.11 -1.41
CA HIS A 261 14.57 8.53 -0.17
C HIS A 261 15.36 7.25 -0.48
N PRO A 262 16.49 7.04 0.21
CA PRO A 262 17.36 5.89 -0.04
C PRO A 262 16.66 4.53 0.03
N LEU A 263 15.64 4.42 0.89
CA LEU A 263 14.87 3.18 0.98
C LEU A 263 14.11 2.91 -0.32
N LEU A 264 13.50 3.96 -0.85
CA LEU A 264 12.77 3.82 -2.11
C LEU A 264 13.74 3.59 -3.27
N GLN A 265 14.90 4.24 -3.22
CA GLN A 265 15.93 3.99 -4.22
C GLN A 265 16.31 2.53 -4.27
N GLU A 266 16.53 1.94 -3.09
CA GLU A 266 16.83 0.52 -3.01
C GLU A 266 15.71 -0.31 -3.63
N ILE A 267 14.48 0.10 -3.38
CA ILE A 267 13.33 -0.66 -3.91
C ILE A 267 13.20 -0.53 -5.43
N TYR A 268 13.46 0.65 -5.97
CA TYR A 268 13.31 0.89 -7.41
C TYR A 268 14.47 0.38 -8.27
N LYS A 269 15.66 0.22 -7.66
CA LYS A 269 16.83 -0.19 -8.43
C LYS A 269 16.63 -1.56 -9.06
N ASP A 270 16.83 -1.63 -10.37
CA ASP A 270 16.61 -2.86 -11.15
C ASP A 270 15.16 -3.34 -11.03
N LEU A 271 14.24 -2.41 -10.86
CA LEU A 271 12.82 -2.73 -10.77
C LEU A 271 11.99 -1.76 -11.60
N PRO B 4 24.68 -1.20 1.26
CA PRO B 4 23.98 -1.63 2.48
C PRO B 4 22.47 -1.56 2.32
N SER B 5 21.80 -2.67 2.57
CA SER B 5 20.35 -2.73 2.39
C SER B 5 19.61 -2.11 3.57
N LEU B 6 18.77 -1.12 3.30
CA LEU B 6 17.96 -0.52 4.35
C LEU B 6 16.81 -1.45 4.73
N LEU B 7 16.32 -2.21 3.75
CA LEU B 7 15.30 -3.22 3.99
C LEU B 7 15.81 -4.26 4.97
N LYS B 8 17.06 -4.68 4.78
CA LYS B 8 17.68 -5.65 5.65
C LYS B 8 17.77 -5.05 7.05
N LYS B 9 18.12 -3.78 7.13
CA LYS B 9 18.17 -3.07 8.42
C LYS B 9 16.81 -3.07 9.12
N LEU B 10 15.74 -2.86 8.36
CA LEU B 10 14.40 -2.84 8.94
C LEU B 10 14.00 -4.25 9.39
N LEU B 11 14.37 -5.25 8.62
CA LEU B 11 14.07 -6.65 8.95
C LEU B 11 14.74 -7.09 10.24
N LEU B 12 15.96 -6.61 10.46
CA LEU B 12 16.75 -7.02 11.62
C LEU B 12 16.48 -6.14 12.83
N ALA B 13 15.55 -5.21 12.69
CA ALA B 13 15.13 -4.37 13.80
C ALA B 13 14.27 -5.16 14.79
N PRO B 14 14.24 -4.73 16.06
CA PRO B 14 13.37 -5.33 17.09
C PRO B 14 11.99 -4.68 17.14
#